data_2OOK
#
_entry.id   2OOK
#
_cell.length_a   80.579
_cell.length_b   40.412
_cell.length_c   78.050
_cell.angle_alpha   90.000
_cell.angle_beta   92.230
_cell.angle_gamma   90.000
#
_symmetry.space_group_name_H-M   'C 1 2 1'
#
loop_
_entity.id
_entity.type
_entity.pdbx_description
1 polymer 'Hypothetical protein'
2 non-polymer 1,2-ETHANEDIOL
3 water water
#
_entity_poly.entity_id   1
_entity_poly.type   'polypeptide(L)'
_entity_poly.pdbx_seq_one_letter_code
;G(MSE)D(MSE)KKHGLSIGINRIESVFFVTLKAIGTLTHEDYLVITP(MSE)LEGALSQVDQPKVSLFLDATELDGWDL
RAAWDDLKLGLKHKSEFERVAILGNKDWQEWAAKIGSWFIAGEIKYFEDEDDALKWLRY
;
_entity_poly.pdbx_strand_id   A,B
#
# COMPACT_ATOMS: atom_id res chain seq x y z
N ASP A 3 6.01 0.69 -21.22
CA ASP A 3 6.10 -0.81 -21.28
C ASP A 3 6.06 -1.39 -19.87
N LYS A 5 6.14 0.74 -17.16
CA LYS A 5 5.61 1.78 -16.31
C LYS A 5 4.44 1.26 -15.49
N LYS A 6 4.46 1.52 -14.18
CA LYS A 6 3.38 1.10 -13.29
C LYS A 6 2.35 2.21 -13.12
N HIS A 7 1.09 1.80 -12.97
CA HIS A 7 0.01 2.73 -12.71
C HIS A 7 -0.87 2.21 -11.57
N GLY A 8 -1.18 3.02 -10.57
CA GLY A 8 -2.14 2.58 -9.60
C GLY A 8 -1.88 3.17 -8.23
N LEU A 9 -2.32 2.46 -7.21
CA LEU A 9 -2.14 2.98 -5.84
C LEU A 9 -2.01 1.85 -4.84
N SER A 10 -1.41 2.16 -3.70
CA SER A 10 -1.31 1.22 -2.59
CA SER A 10 -1.25 1.23 -2.59
C SER A 10 -1.62 1.95 -1.30
N ILE A 11 -2.18 1.22 -0.35
CA ILE A 11 -2.55 1.82 0.90
C ILE A 11 -1.97 0.94 1.96
N GLY A 12 -1.47 1.54 3.03
CA GLY A 12 -0.90 0.79 4.11
C GLY A 12 -0.90 1.46 5.46
N ILE A 13 -0.27 0.79 6.40
CA ILE A 13 0.00 1.37 7.71
C ILE A 13 1.50 1.25 7.97
N ASN A 14 2.13 2.35 8.38
CA ASN A 14 3.53 2.34 8.85
C ASN A 14 3.60 2.88 10.28
N ARG A 15 4.52 2.34 11.05
CA ARG A 15 4.85 2.83 12.37
C ARG A 15 6.18 3.52 12.30
N ILE A 16 6.23 4.72 12.87
CA ILE A 16 7.45 5.50 12.94
C ILE A 16 7.52 6.07 14.36
N GLU A 17 8.66 5.84 15.00
CA GLU A 17 8.88 6.31 16.37
C GLU A 17 7.63 6.04 17.22
N SER A 18 7.20 4.77 17.25
CA SER A 18 6.07 4.30 18.08
C SER A 18 4.65 4.76 17.68
N VAL A 19 4.53 5.52 16.59
CA VAL A 19 3.23 6.04 16.16
C VAL A 19 2.82 5.47 14.80
N PHE A 20 1.58 4.98 14.69
CA PHE A 20 1.05 4.43 13.45
C PHE A 20 0.39 5.50 12.59
N PHE A 21 0.68 5.44 11.29
CA PHE A 21 -0.02 6.31 10.34
CA PHE A 21 0.13 6.35 10.27
C PHE A 21 -0.37 5.54 9.10
N VAL A 22 -1.43 6.01 8.45
CA VAL A 22 -1.89 5.43 7.22
C VAL A 22 -0.97 5.96 6.13
N THR A 23 -0.66 5.12 5.15
CA THR A 23 0.17 5.57 4.02
CA THR A 23 0.18 5.55 4.04
C THR A 23 -0.54 5.30 2.71
N LEU A 24 -0.34 6.20 1.75
CA LEU A 24 -0.94 6.03 0.44
C LEU A 24 0.10 6.46 -0.58
N LYS A 25 0.25 5.65 -1.62
CA LYS A 25 1.15 5.93 -2.73
C LYS A 25 0.34 5.78 -4.01
N ALA A 26 0.37 6.82 -4.82
CA ALA A 26 -0.32 6.88 -6.11
C ALA A 26 0.73 6.99 -7.19
N ILE A 27 0.58 6.27 -8.30
CA ILE A 27 1.59 6.28 -9.35
CA ILE A 27 1.61 6.22 -9.34
C ILE A 27 0.98 6.18 -10.74
N GLY A 28 1.63 6.85 -11.68
CA GLY A 28 1.25 6.82 -13.09
C GLY A 28 0.08 7.70 -13.52
N THR A 29 -0.58 7.23 -14.56
CA THR A 29 -1.71 7.91 -15.16
C THR A 29 -2.95 7.05 -15.00
N LEU A 30 -3.84 7.51 -14.14
CA LEU A 30 -5.01 6.74 -13.74
C LEU A 30 -6.22 6.91 -14.67
N THR A 31 -6.83 5.79 -15.02
CA THR A 31 -7.96 5.73 -15.95
C THR A 31 -9.28 5.41 -15.22
N HIS A 32 -10.37 5.37 -15.98
CA HIS A 32 -11.67 5.04 -15.41
C HIS A 32 -11.71 3.60 -14.97
N GLU A 33 -11.15 2.73 -15.79
CA GLU A 33 -11.06 1.33 -15.46
C GLU A 33 -10.25 1.22 -14.16
N ASP A 34 -9.16 1.96 -14.06
CA ASP A 34 -8.36 1.90 -12.85
C ASP A 34 -9.18 2.25 -11.60
N TYR A 35 -10.06 3.24 -11.72
CA TYR A 35 -10.90 3.64 -10.60
C TYR A 35 -11.82 2.50 -10.22
N LEU A 36 -12.40 1.83 -11.21
CA LEU A 36 -13.35 0.74 -10.91
C LEU A 36 -12.69 -0.43 -10.20
N VAL A 37 -11.49 -0.77 -10.65
CA VAL A 37 -10.70 -1.87 -10.13
C VAL A 37 -9.97 -1.60 -8.81
N ILE A 38 -9.43 -0.40 -8.64
CA ILE A 38 -8.54 -0.07 -7.49
C ILE A 38 -9.26 0.51 -6.27
N THR A 39 -10.29 1.35 -6.48
CA THR A 39 -10.88 2.05 -5.34
C THR A 39 -11.67 1.19 -4.35
N PRO A 40 -12.32 0.12 -4.81
CA PRO A 40 -12.98 -0.75 -3.85
C PRO A 40 -12.00 -1.35 -2.83
N LEU A 42 -9.03 0.13 -1.92
CA LEU A 42 -8.66 1.19 -1.01
C LEU A 42 -9.71 1.42 0.07
N GLU A 43 -10.97 1.46 -0.33
CA GLU A 43 -12.11 1.63 0.57
C GLU A 43 -12.20 0.48 1.59
N GLY A 44 -11.99 -0.74 1.10
CA GLY A 44 -12.05 -1.94 1.94
C GLY A 44 -10.99 -1.97 3.03
N ALA A 45 -9.82 -1.46 2.68
CA ALA A 45 -8.67 -1.31 3.58
C ALA A 45 -8.96 -0.21 4.57
N LEU A 46 -9.31 0.98 4.08
CA LEU A 46 -9.42 2.12 5.00
C LEU A 46 -10.53 1.93 6.01
N SER A 47 -11.58 1.21 5.64
CA SER A 47 -12.69 1.01 6.53
C SER A 47 -12.31 0.11 7.71
N GLN A 48 -11.11 -0.48 7.69
CA GLN A 48 -10.68 -1.36 8.78
C GLN A 48 -9.64 -0.73 9.68
N VAL A 49 -9.34 0.55 9.46
CA VAL A 49 -8.43 1.29 10.31
C VAL A 49 -9.15 1.92 11.50
N ASP A 50 -8.79 1.49 12.70
CA ASP A 50 -9.46 1.93 13.89
C ASP A 50 -8.48 2.34 15.00
N GLN A 51 -7.93 3.55 14.89
CA GLN A 51 -6.98 4.11 15.82
C GLN A 51 -7.58 5.31 16.58
N PRO A 52 -7.09 5.60 17.79
CA PRO A 52 -7.59 6.72 18.58
C PRO A 52 -7.50 8.01 17.80
N LYS A 53 -6.32 8.28 17.27
CA LYS A 53 -6.10 9.41 16.38
C LYS A 53 -5.24 8.87 15.29
N VAL A 54 -5.48 9.30 14.06
CA VAL A 54 -4.67 8.83 12.98
C VAL A 54 -4.55 9.89 11.88
N SER A 55 -3.36 9.89 11.28
CA SER A 55 -2.96 10.77 10.22
C SER A 55 -2.49 9.95 9.02
N LEU A 56 -2.34 10.63 7.88
CA LEU A 56 -2.03 10.00 6.61
C LEU A 56 -0.89 10.69 5.87
N PHE A 57 0.02 9.85 5.33
CA PHE A 57 1.11 10.26 4.45
C PHE A 57 0.78 9.86 3.03
N LEU A 58 0.64 10.85 2.13
CA LEU A 58 0.30 10.57 0.75
C LEU A 58 1.50 10.82 -0.14
N ASP A 59 2.10 9.77 -0.67
CA ASP A 59 3.21 9.88 -1.60
C ASP A 59 2.70 9.93 -3.05
N ALA A 60 2.64 11.13 -3.62
CA ALA A 60 2.20 11.34 -5.00
C ALA A 60 3.37 11.79 -5.89
N THR A 61 4.61 11.58 -5.41
CA THR A 61 5.76 11.94 -6.24
C THR A 61 5.76 11.31 -7.67
N GLU A 62 5.18 10.12 -7.78
CA GLU A 62 5.20 9.41 -9.03
C GLU A 62 3.86 9.41 -9.73
N LEU A 63 2.94 10.24 -9.26
CA LEU A 63 1.62 10.35 -9.90
C LEU A 63 1.59 11.37 -11.03
N ASP A 64 1.16 10.92 -12.20
CA ASP A 64 1.02 11.82 -13.32
C ASP A 64 -0.32 12.55 -13.21
N GLY A 65 -1.38 11.83 -12.92
CA GLY A 65 -2.70 12.44 -12.84
C GLY A 65 -3.78 11.50 -13.31
N TRP A 66 -4.86 12.09 -13.80
CA TRP A 66 -6.01 11.32 -14.27
C TRP A 66 -6.75 12.14 -15.33
N ASP A 67 -7.73 11.50 -15.97
CA ASP A 67 -8.40 12.11 -17.13
C ASP A 67 -9.33 13.24 -16.68
N LEU A 68 -9.61 14.16 -17.59
CA LEU A 68 -10.49 15.31 -17.30
C LEU A 68 -11.83 14.80 -16.78
N ARG A 69 -12.25 15.35 -15.65
CA ARG A 69 -13.51 14.99 -15.00
C ARG A 69 -13.69 13.48 -14.77
N ALA A 70 -12.59 12.75 -14.61
CA ALA A 70 -12.65 11.33 -14.25
C ALA A 70 -13.23 11.16 -12.84
N ALA A 71 -13.70 9.95 -12.52
CA ALA A 71 -14.28 9.63 -11.19
C ALA A 71 -13.32 9.95 -10.03
N TRP A 72 -12.03 9.98 -10.35
CA TRP A 72 -11.00 10.30 -9.39
C TRP A 72 -11.19 11.67 -8.73
N ASP A 73 -11.74 12.64 -9.48
CA ASP A 73 -12.01 13.96 -8.91
C ASP A 73 -12.84 13.88 -7.65
N ASP A 74 -13.83 12.97 -7.63
CA ASP A 74 -14.83 12.89 -6.55
C ASP A 74 -14.61 11.75 -5.56
N LEU A 75 -13.46 11.10 -5.61
CA LEU A 75 -13.19 10.00 -4.69
C LEU A 75 -13.20 10.52 -3.26
N LYS A 76 -13.81 9.75 -2.34
CA LYS A 76 -13.72 10.08 -0.91
C LYS A 76 -13.22 8.89 -0.13
N LEU A 77 -12.12 9.09 0.58
CA LEU A 77 -11.53 8.04 1.39
C LEU A 77 -11.67 8.39 2.87
N GLY A 78 -12.59 7.73 3.56
CA GLY A 78 -12.84 7.99 4.98
C GLY A 78 -12.58 6.80 5.87
N LEU A 79 -12.54 7.08 7.18
CA LEU A 79 -12.11 6.13 8.23
C LEU A 79 -13.19 5.24 8.87
N LYS A 80 -12.74 4.14 9.49
CA LYS A 80 -13.64 3.10 10.06
C LYS A 80 -14.88 3.52 10.85
N HIS A 81 -14.83 4.63 11.59
CA HIS A 81 -16.00 5.04 12.41
C HIS A 81 -16.38 6.50 12.17
N LYS A 82 -16.18 6.95 10.93
CA LYS A 82 -16.38 8.35 10.52
C LYS A 82 -15.35 9.32 11.14
N SER A 83 -14.31 8.78 11.77
CA SER A 83 -13.22 9.61 12.26
C SER A 83 -12.65 10.39 11.09
N GLU A 84 -12.01 11.52 11.42
CA GLU A 84 -11.34 12.33 10.42
CA GLU A 84 -11.33 12.37 10.43
C GLU A 84 -9.85 12.13 10.65
N PHE A 85 -9.05 12.34 9.62
CA PHE A 85 -7.61 12.29 9.83
C PHE A 85 -7.21 13.56 10.57
N GLU A 86 -6.29 13.45 11.52
CA GLU A 86 -5.80 14.62 12.23
CA GLU A 86 -5.82 14.64 12.21
C GLU A 86 -5.05 15.49 11.23
N ARG A 87 -4.07 14.87 10.57
CA ARG A 87 -3.21 15.50 9.57
C ARG A 87 -3.07 14.66 8.32
N VAL A 88 -2.95 15.35 7.18
CA VAL A 88 -2.66 14.66 5.93
C VAL A 88 -1.52 15.40 5.30
N ALA A 89 -0.38 14.70 5.10
CA ALA A 89 0.80 15.27 4.47
C ALA A 89 0.82 14.75 3.03
N ILE A 90 0.80 15.68 2.07
CA ILE A 90 0.75 15.36 0.65
C ILE A 90 2.08 15.68 0.04
N LEU A 91 2.81 14.65 -0.38
CA LEU A 91 4.15 14.87 -0.92
C LEU A 91 4.14 14.86 -2.45
N GLY A 92 4.62 15.98 -3.02
CA GLY A 92 4.75 16.14 -4.46
C GLY A 92 6.20 16.36 -4.83
N ASN A 93 6.39 17.10 -5.91
CA ASN A 93 7.68 17.39 -6.53
C ASN A 93 7.83 18.88 -6.57
N LYS A 94 8.97 19.37 -7.08
CA LYS A 94 9.28 20.80 -7.11
C LYS A 94 8.26 21.63 -7.87
N ASP A 95 7.81 21.07 -9.00
CA ASP A 95 6.89 21.72 -9.92
C ASP A 95 5.47 21.29 -9.63
N TRP A 96 4.56 22.24 -9.81
CA TRP A 96 3.12 21.98 -9.63
C TRP A 96 2.67 20.93 -10.64
N GLN A 97 1.76 20.06 -10.21
CA GLN A 97 1.17 19.03 -11.05
C GLN A 97 -0.36 19.11 -11.04
N GLU A 98 -1.00 18.62 -12.11
CA GLU A 98 -2.42 18.85 -12.34
C GLU A 98 -3.33 18.44 -11.18
N TRP A 99 -2.87 17.53 -10.36
CA TRP A 99 -3.66 16.99 -9.26
C TRP A 99 -3.50 17.77 -7.94
N ALA A 100 -2.58 18.73 -7.92
CA ALA A 100 -2.21 19.43 -6.67
C ALA A 100 -3.39 19.99 -5.85
N ALA A 101 -4.30 20.69 -6.53
CA ALA A 101 -5.44 21.35 -5.88
C ALA A 101 -6.67 20.45 -5.85
N LYS A 102 -6.53 19.21 -6.32
CA LYS A 102 -7.64 18.27 -6.38
C LYS A 102 -7.52 17.10 -5.44
N ILE A 103 -6.31 16.57 -5.26
CA ILE A 103 -6.15 15.31 -4.52
C ILE A 103 -6.47 15.43 -3.02
N GLY A 104 -6.37 16.64 -2.48
CA GLY A 104 -6.71 16.89 -1.07
C GLY A 104 -8.17 16.58 -0.74
N SER A 105 -9.06 16.75 -1.72
CA SER A 105 -10.49 16.53 -1.53
C SER A 105 -10.89 15.08 -1.32
N TRP A 106 -9.94 14.15 -1.50
CA TRP A 106 -10.21 12.77 -1.14
C TRP A 106 -10.34 12.58 0.38
N PHE A 107 -9.90 13.56 1.16
CA PHE A 107 -9.78 13.43 2.62
C PHE A 107 -10.52 14.47 3.43
N ILE A 108 -11.00 14.04 4.60
CA ILE A 108 -11.49 14.97 5.63
C ILE A 108 -10.39 14.98 6.66
N ALA A 109 -9.79 16.15 6.86
CA ALA A 109 -8.58 16.23 7.71
C ALA A 109 -8.63 17.47 8.54
N GLY A 110 -8.11 17.40 9.76
CA GLY A 110 -7.92 18.59 10.59
C GLY A 110 -7.03 19.60 9.88
N GLU A 111 -5.94 19.15 9.29
CA GLU A 111 -5.04 19.98 8.49
C GLU A 111 -4.43 19.17 7.37
N ILE A 112 -4.23 19.81 6.21
CA ILE A 112 -3.58 19.20 5.08
C ILE A 112 -2.40 20.10 4.80
N LYS A 113 -1.23 19.50 4.63
CA LYS A 113 -0.02 20.28 4.35
C LYS A 113 0.68 19.60 3.20
N TYR A 114 1.30 20.40 2.35
CA TYR A 114 1.91 19.90 1.11
C TYR A 114 3.41 19.99 1.22
N PHE A 115 4.12 18.99 0.67
CA PHE A 115 5.55 18.90 0.80
C PHE A 115 6.26 18.53 -0.53
N GLU A 116 7.55 18.80 -0.56
CA GLU A 116 8.42 18.35 -1.67
C GLU A 116 9.52 17.39 -1.17
N ASP A 117 9.60 17.21 0.16
CA ASP A 117 10.60 16.36 0.80
C ASP A 117 9.96 15.42 1.81
N GLU A 118 10.16 14.12 1.64
CA GLU A 118 9.58 13.12 2.54
C GLU A 118 9.98 13.27 4.00
N ASP A 119 11.23 13.57 4.31
CA ASP A 119 11.63 13.72 5.71
C ASP A 119 10.78 14.78 6.41
N ASP A 120 10.58 15.90 5.73
CA ASP A 120 9.83 17.00 6.31
C ASP A 120 8.39 16.56 6.53
N ALA A 121 7.82 15.87 5.55
CA ALA A 121 6.43 15.38 5.62
C ALA A 121 6.22 14.47 6.82
N LEU A 122 7.13 13.54 7.01
CA LEU A 122 7.07 12.60 8.12
C LEU A 122 7.31 13.24 9.49
N LYS A 123 8.23 14.18 9.57
CA LYS A 123 8.47 14.91 10.79
C LYS A 123 7.18 15.67 11.21
N TRP A 124 6.54 16.32 10.25
CA TRP A 124 5.32 17.10 10.53
C TRP A 124 4.21 16.19 11.01
N LEU A 125 4.07 15.03 10.41
CA LEU A 125 3.07 14.06 10.83
C LEU A 125 3.33 13.51 12.22
N ARG A 126 4.61 13.24 12.51
CA ARG A 126 4.98 12.55 13.73
C ARG A 126 4.96 13.45 14.97
N TYR A 127 5.49 14.65 14.84
CA TYR A 127 5.55 15.56 15.97
C TYR A 127 4.69 16.77 15.70
N LYS B 5 12.84 5.36 11.16
CA LYS B 5 12.73 4.12 10.44
C LYS B 5 11.26 3.72 10.40
N LYS B 6 10.81 3.28 9.24
CA LYS B 6 9.41 2.86 9.04
CA LYS B 6 9.41 2.86 9.02
C LYS B 6 9.28 1.36 9.21
N HIS B 7 8.18 0.94 9.82
CA HIS B 7 7.90 -0.47 9.99
C HIS B 7 6.45 -0.65 9.54
N GLY B 8 6.21 -1.56 8.62
CA GLY B 8 4.82 -1.86 8.23
C GLY B 8 4.59 -2.53 6.91
N LEU B 9 3.37 -2.40 6.37
CA LEU B 9 3.04 -3.04 5.12
CA LEU B 9 3.00 -3.06 5.10
C LEU B 9 2.01 -2.21 4.35
N SER B 10 2.09 -2.25 3.02
CA SER B 10 1.10 -1.61 2.19
C SER B 10 0.61 -2.64 1.16
N ILE B 11 -0.61 -2.45 0.71
CA ILE B 11 -1.21 -3.34 -0.26
C ILE B 11 -1.81 -2.47 -1.35
N GLY B 12 -1.70 -2.92 -2.60
CA GLY B 12 -2.25 -2.18 -3.69
C GLY B 12 -2.58 -2.99 -4.92
N ILE B 13 -3.01 -2.24 -5.92
CA ILE B 13 -3.23 -2.77 -7.22
C ILE B 13 -2.44 -1.87 -8.18
N ASN B 14 -1.55 -2.47 -8.95
CA ASN B 14 -0.85 -1.74 -10.01
C ASN B 14 -1.16 -2.39 -11.36
N ARG B 15 -1.04 -1.60 -12.41
CA ARG B 15 -1.22 -2.08 -13.75
C ARG B 15 0.08 -1.81 -14.51
N ILE B 16 0.54 -2.81 -15.24
CA ILE B 16 1.60 -2.65 -16.23
C ILE B 16 0.97 -3.04 -17.57
N GLU B 17 1.11 -2.12 -18.51
CA GLU B 17 0.35 -2.08 -19.75
C GLU B 17 -1.13 -2.34 -19.49
N SER B 18 -1.64 -3.51 -19.83
CA SER B 18 -3.06 -3.78 -19.70
C SER B 18 -3.37 -4.79 -18.59
N VAL B 19 -2.38 -5.15 -17.79
CA VAL B 19 -2.55 -6.22 -16.80
C VAL B 19 -2.48 -5.72 -15.37
N PHE B 20 -3.56 -5.90 -14.61
CA PHE B 20 -3.58 -5.55 -13.19
C PHE B 20 -2.98 -6.67 -12.33
N PHE B 21 -2.18 -6.30 -11.33
CA PHE B 21 -1.66 -7.25 -10.35
C PHE B 21 -1.73 -6.67 -8.96
N VAL B 22 -1.84 -7.52 -7.96
CA VAL B 22 -1.81 -7.03 -6.59
C VAL B 22 -0.36 -6.79 -6.18
N THR B 23 -0.12 -5.76 -5.39
CA THR B 23 1.24 -5.40 -4.97
C THR B 23 1.26 -5.28 -3.45
N LEU B 24 2.29 -5.81 -2.79
CA LEU B 24 2.40 -5.75 -1.34
CA LEU B 24 2.40 -5.74 -1.33
C LEU B 24 3.83 -5.44 -0.96
N LYS B 25 4.04 -4.46 -0.09
CA LYS B 25 5.39 -4.10 0.33
C LYS B 25 5.47 -4.21 1.84
N ALA B 26 6.48 -4.91 2.35
CA ALA B 26 6.69 -5.07 3.78
C ALA B 26 8.04 -4.48 4.15
N ILE B 27 8.06 -3.68 5.21
CA ILE B 27 9.24 -2.95 5.60
C ILE B 27 9.48 -2.99 7.10
N GLY B 28 10.76 -3.00 7.51
CA GLY B 28 11.16 -3.01 8.90
C GLY B 28 10.98 -4.32 9.63
N THR B 29 10.79 -4.22 10.92
CA THR B 29 10.65 -5.38 11.80
C THR B 29 9.26 -5.27 12.41
N LEU B 30 8.42 -6.22 12.04
CA LEU B 30 7.00 -6.27 12.41
C LEU B 30 6.78 -6.93 13.76
N THR B 31 5.98 -6.28 14.59
CA THR B 31 5.71 -6.69 15.97
C THR B 31 4.29 -7.19 16.08
N HIS B 32 3.91 -7.77 17.21
CA HIS B 32 2.54 -8.20 17.39
C HIS B 32 1.56 -7.04 17.34
N GLU B 33 1.90 -5.90 17.96
CA GLU B 33 1.03 -4.73 17.84
C GLU B 33 0.82 -4.34 16.38
N ASP B 34 1.88 -4.40 15.55
CA ASP B 34 1.74 -4.14 14.10
C ASP B 34 0.74 -5.10 13.46
N TYR B 35 0.83 -6.38 13.82
CA TYR B 35 -0.15 -7.37 13.34
C TYR B 35 -1.59 -6.95 13.63
N LEU B 36 -1.87 -6.59 14.87
CA LEU B 36 -3.23 -6.18 15.27
C LEU B 36 -3.76 -4.95 14.52
N VAL B 37 -2.87 -4.03 14.18
CA VAL B 37 -3.23 -2.80 13.48
C VAL B 37 -3.28 -2.99 11.96
N ILE B 38 -2.35 -3.75 11.39
CA ILE B 38 -2.26 -3.85 9.93
C ILE B 38 -3.08 -4.96 9.29
N THR B 39 -3.21 -6.13 9.93
CA THR B 39 -3.86 -7.25 9.25
C THR B 39 -5.34 -7.03 8.95
N PRO B 40 -6.11 -6.35 9.83
CA PRO B 40 -7.49 -6.09 9.38
C PRO B 40 -7.61 -5.27 8.08
N LEU B 42 -5.27 -5.15 5.68
CA LEU B 42 -4.77 -6.02 4.63
CA LEU B 42 -4.76 -6.03 4.66
C LEU B 42 -5.88 -6.96 4.17
N GLU B 43 -6.59 -7.55 5.13
CA GLU B 43 -7.68 -8.45 4.81
C GLU B 43 -8.85 -7.74 4.15
N GLY B 44 -9.15 -6.52 4.60
CA GLY B 44 -10.17 -5.68 4.00
C GLY B 44 -9.89 -5.36 2.54
N ALA B 45 -8.64 -5.06 2.23
CA ALA B 45 -8.20 -4.81 0.85
C ALA B 45 -8.35 -6.03 -0.05
N LEU B 46 -7.84 -7.16 0.43
CA LEU B 46 -7.86 -8.41 -0.34
C LEU B 46 -9.27 -8.92 -0.64
N SER B 47 -10.20 -8.71 0.28
CA SER B 47 -11.57 -9.18 0.06
C SER B 47 -12.25 -8.46 -1.10
N GLN B 48 -11.66 -7.36 -1.57
CA GLN B 48 -12.24 -6.60 -2.67
C GLN B 48 -11.58 -6.89 -4.02
N VAL B 49 -10.58 -7.76 -4.06
CA VAL B 49 -9.93 -8.08 -5.33
C VAL B 49 -10.83 -9.08 -6.05
N ASP B 50 -11.43 -8.63 -7.14
CA ASP B 50 -12.43 -9.43 -7.85
C ASP B 50 -11.90 -10.03 -9.17
N GLN B 51 -10.73 -9.58 -9.60
CA GLN B 51 -10.15 -10.06 -10.84
C GLN B 51 -9.96 -11.58 -10.82
N PRO B 52 -10.64 -12.30 -11.74
CA PRO B 52 -10.63 -13.78 -11.72
C PRO B 52 -9.24 -14.42 -11.86
N LYS B 53 -8.42 -13.89 -12.77
CA LYS B 53 -7.04 -14.34 -12.91
C LYS B 53 -6.15 -13.21 -12.40
N VAL B 54 -5.46 -13.43 -11.29
CA VAL B 54 -4.65 -12.37 -10.74
C VAL B 54 -3.42 -12.91 -10.03
N SER B 55 -2.33 -12.15 -10.10
CA SER B 55 -1.09 -12.47 -9.42
C SER B 55 -0.66 -11.38 -8.44
N LEU B 56 0.35 -11.69 -7.61
CA LEU B 56 0.83 -10.79 -6.57
C LEU B 56 2.35 -10.55 -6.67
N PHE B 57 2.76 -9.27 -6.58
CA PHE B 57 4.18 -8.87 -6.49
C PHE B 57 4.39 -8.52 -5.03
N LEU B 58 5.37 -9.16 -4.39
CA LEU B 58 5.66 -8.90 -2.98
C LEU B 58 7.05 -8.34 -2.84
N ASP B 59 7.10 -7.05 -2.54
CA ASP B 59 8.35 -6.35 -2.40
C ASP B 59 8.81 -6.43 -0.96
N ALA B 60 9.76 -7.32 -0.68
CA ALA B 60 10.30 -7.50 0.67
C ALA B 60 11.72 -7.01 0.76
N THR B 61 12.11 -6.10 -0.13
CA THR B 61 13.48 -5.58 -0.21
C THR B 61 13.90 -4.86 1.06
N GLU B 62 12.96 -4.20 1.71
CA GLU B 62 13.24 -3.44 2.95
C GLU B 62 12.71 -4.14 4.21
N LEU B 63 12.36 -5.40 4.09
CA LEU B 63 11.87 -6.18 5.23
C LEU B 63 13.02 -6.78 6.06
N ASP B 64 13.02 -6.48 7.34
CA ASP B 64 14.06 -6.98 8.24
C ASP B 64 13.59 -8.25 8.96
N GLY B 65 12.29 -8.40 9.14
CA GLY B 65 11.73 -9.61 9.77
C GLY B 65 10.51 -9.32 10.63
N TRP B 66 10.19 -10.26 11.50
CA TRP B 66 9.11 -10.07 12.44
C TRP B 66 9.35 -10.82 13.75
N ASP B 67 8.59 -10.47 14.79
CA ASP B 67 8.66 -11.17 16.09
CA ASP B 67 8.72 -11.16 16.06
C ASP B 67 8.12 -12.57 15.86
N LEU B 68 8.92 -13.60 16.14
CA LEU B 68 8.49 -14.99 15.89
C LEU B 68 7.37 -15.46 16.83
N ARG B 69 7.16 -14.75 17.94
CA ARG B 69 6.07 -15.08 18.86
C ARG B 69 4.81 -14.28 18.52
N ALA B 70 4.89 -13.45 17.49
CA ALA B 70 3.74 -12.68 17.01
C ALA B 70 2.97 -13.53 15.98
N ALA B 71 1.74 -13.14 15.69
CA ALA B 71 0.84 -13.92 14.81
C ALA B 71 1.28 -13.95 13.32
N TRP B 72 2.26 -13.14 12.97
CA TRP B 72 2.79 -13.08 11.59
C TRP B 72 3.20 -14.43 11.02
N ASP B 73 3.84 -15.26 11.84
CA ASP B 73 4.22 -16.60 11.40
C ASP B 73 3.04 -17.36 10.82
N ASP B 74 1.89 -17.22 11.48
CA ASP B 74 0.71 -17.99 11.13
C ASP B 74 -0.23 -17.35 10.11
N LEU B 75 0.08 -16.14 9.66
CA LEU B 75 -0.81 -15.41 8.77
C LEU B 75 -1.07 -16.14 7.46
N LYS B 76 -2.33 -16.18 7.07
CA LYS B 76 -2.73 -16.69 5.76
C LYS B 76 -3.59 -15.65 5.09
N LEU B 77 -3.11 -15.15 3.95
CA LEU B 77 -3.78 -14.12 3.17
C LEU B 77 -4.34 -14.80 1.95
N GLY B 78 -5.54 -14.40 1.53
CA GLY B 78 -6.17 -15.06 0.41
C GLY B 78 -7.16 -14.19 -0.31
N LEU B 79 -7.79 -14.78 -1.32
CA LEU B 79 -8.76 -14.09 -2.12
C LEU B 79 -10.13 -14.65 -1.81
N LYS B 80 -11.16 -13.91 -2.18
CA LYS B 80 -12.54 -14.33 -1.99
C LYS B 80 -12.79 -15.56 -2.86
N SER B 83 -10.39 -17.76 -6.81
CA SER B 83 -10.10 -17.46 -5.41
C SER B 83 -8.66 -17.82 -5.01
N GLU B 84 -7.73 -17.86 -5.96
CA GLU B 84 -6.30 -18.07 -5.66
C GLU B 84 -5.40 -17.31 -6.63
N PHE B 85 -4.25 -16.87 -6.14
CA PHE B 85 -3.30 -16.19 -7.02
C PHE B 85 -2.68 -17.17 -7.99
N GLU B 86 -2.44 -16.70 -9.22
CA GLU B 86 -1.83 -17.58 -10.22
C GLU B 86 -0.34 -17.71 -9.89
N ARG B 87 0.28 -16.56 -9.63
CA ARG B 87 1.70 -16.46 -9.29
C ARG B 87 1.94 -15.44 -8.17
N VAL B 88 2.99 -15.69 -7.38
CA VAL B 88 3.47 -14.73 -6.40
C VAL B 88 4.95 -14.61 -6.61
N ALA B 89 5.39 -13.39 -6.89
CA ALA B 89 6.78 -13.12 -7.09
C ALA B 89 7.25 -12.34 -5.87
N ILE B 90 8.23 -12.89 -5.13
CA ILE B 90 8.81 -12.25 -3.94
C ILE B 90 10.16 -11.66 -4.32
N LEU B 91 10.32 -10.38 -4.04
CA LEU B 91 11.51 -9.66 -4.36
C LEU B 91 12.23 -9.38 -3.05
N GLY B 92 13.50 -9.79 -2.94
CA GLY B 92 14.30 -9.51 -1.75
C GLY B 92 15.79 -9.60 -1.95
N ASN B 93 16.55 -9.14 -0.95
CA ASN B 93 18.03 -9.16 -1.00
C ASN B 93 18.71 -10.21 -0.10
N LYS B 94 17.99 -10.71 0.90
CA LYS B 94 18.56 -11.63 1.89
C LYS B 94 18.52 -13.12 1.46
N ASP B 95 19.38 -13.93 2.10
CA ASP B 95 19.32 -15.36 1.90
C ASP B 95 17.85 -15.79 2.07
N TRP B 96 17.37 -16.64 1.17
CA TRP B 96 15.95 -16.96 1.15
C TRP B 96 15.45 -17.58 2.43
N GLN B 97 16.33 -18.34 3.10
CA GLN B 97 15.91 -19.04 4.33
C GLN B 97 15.59 -18.15 5.54
N GLU B 98 16.01 -16.88 5.49
CA GLU B 98 15.71 -15.97 6.59
C GLU B 98 14.21 -15.67 6.70
N TRP B 99 13.61 -15.15 5.63
CA TRP B 99 12.19 -14.74 5.65
C TRP B 99 11.41 -15.03 4.37
N ALA B 100 12.08 -15.33 3.26
CA ALA B 100 11.36 -15.40 1.97
C ALA B 100 10.42 -16.57 1.92
N ALA B 101 10.89 -17.69 2.43
CA ALA B 101 10.04 -18.90 2.46
C ALA B 101 8.90 -18.68 3.46
N LYS B 102 9.23 -18.02 4.57
CA LYS B 102 8.25 -17.74 5.59
C LYS B 102 7.13 -16.82 5.13
N ILE B 103 7.48 -15.73 4.46
CA ILE B 103 6.47 -14.80 4.00
C ILE B 103 5.76 -15.42 2.76
N GLY B 104 6.50 -16.20 1.99
CA GLY B 104 5.89 -16.92 0.86
C GLY B 104 4.75 -17.80 1.32
N SER B 105 4.93 -18.46 2.47
CA SER B 105 3.96 -19.40 3.02
C SER B 105 2.63 -18.76 3.51
N TRP B 106 2.57 -17.45 3.52
CA TRP B 106 1.32 -16.74 3.80
C TRP B 106 0.29 -16.92 2.70
N PHE B 107 0.74 -17.32 1.51
CA PHE B 107 -0.10 -17.34 0.31
C PHE B 107 -0.33 -18.72 -0.24
N ILE B 108 -1.46 -18.90 -0.94
CA ILE B 108 -1.70 -20.11 -1.75
C ILE B 108 -1.64 -19.61 -3.20
N ALA B 109 -0.81 -20.26 -4.01
CA ALA B 109 -0.67 -19.86 -5.41
C ALA B 109 -0.15 -20.99 -6.25
N GLY B 110 -0.38 -20.91 -7.56
CA GLY B 110 0.10 -21.93 -8.49
C GLY B 110 1.62 -22.07 -8.38
N GLU B 111 2.29 -20.92 -8.42
CA GLU B 111 3.73 -20.80 -8.28
C GLU B 111 4.15 -19.65 -7.36
N ILE B 112 5.16 -19.88 -6.53
CA ILE B 112 5.73 -18.85 -5.68
C ILE B 112 7.24 -18.81 -5.87
N LYS B 113 7.77 -17.68 -6.32
CA LYS B 113 9.19 -17.63 -6.71
C LYS B 113 9.89 -16.42 -6.13
N TYR B 114 11.17 -16.60 -5.77
CA TYR B 114 11.98 -15.53 -5.15
C TYR B 114 12.97 -14.95 -6.16
N PHE B 115 13.06 -13.61 -6.16
CA PHE B 115 13.90 -12.89 -7.09
C PHE B 115 14.68 -11.83 -6.34
N GLU B 116 15.83 -11.48 -6.89
CA GLU B 116 16.61 -10.34 -6.43
C GLU B 116 16.53 -9.15 -7.42
N ASP B 117 16.01 -9.38 -8.62
CA ASP B 117 15.89 -8.35 -9.66
C ASP B 117 14.44 -8.04 -9.91
N GLU B 118 14.06 -6.76 -9.83
CA GLU B 118 12.65 -6.35 -9.92
C GLU B 118 12.05 -6.61 -11.30
N ASP B 119 12.82 -6.26 -12.32
CA ASP B 119 12.39 -6.37 -13.70
C ASP B 119 12.05 -7.81 -14.04
N ASP B 120 12.91 -8.74 -13.62
CA ASP B 120 12.68 -10.17 -13.81
C ASP B 120 11.43 -10.67 -13.07
N ALA B 121 11.25 -10.18 -11.84
CA ALA B 121 10.07 -10.57 -11.03
C ALA B 121 8.80 -10.17 -11.75
N LEU B 122 8.77 -8.95 -12.25
CA LEU B 122 7.56 -8.40 -12.88
C LEU B 122 7.27 -9.05 -14.21
N LYS B 123 8.32 -9.31 -15.00
CA LYS B 123 8.18 -10.05 -16.25
C LYS B 123 7.62 -11.44 -16.02
N TRP B 124 8.11 -12.11 -14.98
CA TRP B 124 7.65 -13.45 -14.66
C TRP B 124 6.17 -13.45 -14.25
N LEU B 125 5.75 -12.41 -13.53
CA LEU B 125 4.34 -12.28 -13.16
C LEU B 125 3.38 -12.10 -14.31
N ARG B 126 3.81 -11.41 -15.36
CA ARG B 126 2.93 -11.07 -16.49
C ARG B 126 3.02 -12.04 -17.66
N TYR B 127 3.83 -13.10 -17.51
CA TYR B 127 3.96 -14.17 -18.48
C TYR B 127 2.97 -15.27 -18.08
#